data_5W1D
#
_entry.id   5W1D
#
_cell.length_a   78.863
_cell.length_b   78.863
_cell.length_c   289.469
_cell.angle_alpha   90.00
_cell.angle_beta   90.00
_cell.angle_gamma   90.00
#
_symmetry.space_group_name_H-M   'P 43 21 2'
#
loop_
_entity.id
_entity.type
_entity.pdbx_description
1 polymer Protocadherin-15
2 non-polymer 'CALCIUM ION'
3 non-polymer 'POTASSIUM ION'
4 water water
#
_entity_poly.entity_id   1
_entity_poly.type   'polypeptide(L)'
_entity_poly.pdbx_seq_one_letter_code
;MASTMPSYQGYILESAPVGATISESLNLTTPLRIVALDKDIEDTKDPELHLFLNDYTSVFTVTPTGITRYLTLLQPVDRE
EQQTYTFLITAFDGVQESEPVVVNIRVMDANDNTPTFPEISYDVYVYTDMSPGDSVIQLTAVDADEGSNGEISYEILVGG
KGDFVINKTTGLVSIAPGVELIVGQTYALTVQASDNAPPAERRHSICTVYIEVLPPNNQSPPRFPQLMYSLEVSEAMRIG
AILLNLQATDREGDPITYAIENGDPQRVFNLSETTGILSLGKALDRESTDRYILIVTASDGRPDGTSTATVNIVVTDVND
NAPVFDPYLPRNLSVVEEEANAFVGQVRATDPDAGINGQVHYSLGNFNNLFRITSNGSIYTAVKLNREARDHYELVVVAT
DGAVHPRHSTLTLYIKVLDIDLEHHHHHH
;
_entity_poly.pdbx_strand_id   A
#
loop_
_chem_comp.id
_chem_comp.type
_chem_comp.name
_chem_comp.formula
CA non-polymer 'CALCIUM ION' 'Ca 2'
K non-polymer 'POTASSIUM ION' 'K 1'
#
# COMPACT_ATOMS: atom_id res chain seq x y z
N PRO A 6 -7.78 -49.97 44.23
CA PRO A 6 -7.01 -50.60 43.16
C PRO A 6 -7.79 -50.65 41.83
N SER A 7 -7.26 -50.04 40.75
CA SER A 7 -8.05 -49.84 39.53
C SER A 7 -7.20 -49.69 38.30
N TYR A 8 -7.37 -50.56 37.30
CA TYR A 8 -6.66 -50.46 36.04
C TYR A 8 -7.62 -50.24 34.89
N GLN A 9 -7.22 -49.40 33.94
CA GLN A 9 -8.00 -49.16 32.72
C GLN A 9 -7.13 -49.50 31.48
N GLY A 10 -7.63 -50.42 30.66
CA GLY A 10 -6.94 -50.87 29.45
C GLY A 10 -7.68 -50.41 28.21
N TYR A 11 -7.08 -50.61 27.04
CA TYR A 11 -7.67 -50.29 25.74
C TYR A 11 -7.04 -51.19 24.70
N ILE A 12 -7.84 -51.73 23.80
CA ILE A 12 -7.37 -52.65 22.76
C ILE A 12 -8.20 -52.37 21.52
N LEU A 13 -7.60 -52.50 20.34
CA LEU A 13 -8.29 -52.19 19.10
C LEU A 13 -8.89 -53.47 18.51
N GLU A 14 -10.11 -53.40 17.96
CA GLU A 14 -10.81 -54.61 17.49
C GLU A 14 -10.10 -55.36 16.35
N SER A 15 -9.13 -54.72 15.72
CA SER A 15 -8.33 -55.34 14.67
C SER A 15 -7.01 -55.94 15.20
N ALA A 16 -6.81 -55.96 16.51
CA ALA A 16 -5.51 -56.34 17.09
C ALA A 16 -5.32 -57.84 17.03
N PRO A 17 -4.09 -58.29 16.71
CA PRO A 17 -3.84 -59.71 16.58
C PRO A 17 -3.88 -60.49 17.90
N VAL A 18 -3.85 -61.80 17.79
CA VAL A 18 -3.59 -62.67 18.91
C VAL A 18 -2.11 -62.51 19.22
N GLY A 19 -1.79 -62.28 20.49
CA GLY A 19 -0.42 -61.96 20.91
C GLY A 19 -0.15 -60.48 20.84
N ALA A 20 -1.08 -59.68 21.36
CA ALA A 20 -0.97 -58.23 21.38
C ALA A 20 -1.09 -57.75 22.81
N THR A 21 -0.25 -56.78 23.18
CA THR A 21 -0.30 -56.20 24.50
C THR A 21 -1.53 -55.29 24.60
N ILE A 22 -2.18 -55.28 25.77
CA ILE A 22 -3.26 -54.33 26.06
C ILE A 22 -2.61 -52.98 26.41
N SER A 23 -3.11 -51.87 25.84
CA SER A 23 -2.56 -50.52 26.04
C SER A 23 -3.22 -49.75 27.20
N GLU A 24 -2.68 -48.59 27.51
CA GLU A 24 -3.06 -47.74 28.64
C GLU A 24 -3.75 -46.45 28.17
N SER A 25 -3.25 -45.85 27.09
CA SER A 25 -3.89 -44.68 26.53
C SER A 25 -4.84 -45.13 25.45
N LEU A 26 -5.76 -44.26 25.07
CA LEU A 26 -6.56 -44.48 23.86
C LEU A 26 -5.67 -44.50 22.63
N ASN A 27 -4.68 -43.61 22.61
CA ASN A 27 -3.64 -43.59 21.60
C ASN A 27 -3.02 -44.95 21.31
N LEU A 28 -3.18 -45.92 22.21
CA LEU A 28 -2.68 -47.26 21.94
C LEU A 28 -1.15 -47.32 21.61
N THR A 29 -0.38 -46.31 22.00
CA THR A 29 1.06 -46.30 21.70
C THR A 29 1.77 -47.06 22.80
N THR A 30 1.30 -46.88 24.04
CA THR A 30 1.88 -47.43 25.27
C THR A 30 1.05 -48.60 25.79
N PRO A 31 1.69 -49.64 26.40
CA PRO A 31 1.00 -50.77 27.00
C PRO A 31 0.52 -50.53 28.44
N LEU A 32 -0.38 -51.38 28.90
CA LEU A 32 -0.93 -51.37 30.26
C LEU A 32 0.11 -51.98 31.13
N ARG A 33 0.20 -51.51 32.38
CA ARG A 33 1.32 -51.81 33.25
C ARG A 33 0.80 -52.22 34.63
N ILE A 34 0.96 -53.49 34.99
CA ILE A 34 0.50 -53.99 36.29
C ILE A 34 1.71 -54.27 37.15
N VAL A 35 1.61 -53.95 38.44
CA VAL A 35 2.72 -54.14 39.39
C VAL A 35 2.67 -55.53 40.05
N ALA A 36 3.83 -56.17 40.18
CA ALA A 36 4.00 -57.40 40.95
C ALA A 36 4.95 -57.07 42.10
N LEU A 37 4.34 -57.03 43.28
CA LEU A 37 4.81 -56.27 44.43
C LEU A 37 6.00 -56.92 45.09
N GLU A 48 9.19 -65.75 41.96
CA GLU A 48 8.14 -64.90 41.36
C GLU A 48 6.80 -65.03 42.10
N LEU A 49 5.81 -64.26 41.67
CA LEU A 49 4.47 -64.25 42.26
C LEU A 49 3.43 -64.74 41.25
N HIS A 50 2.24 -65.08 41.74
CA HIS A 50 1.14 -65.58 40.89
C HIS A 50 -0.07 -64.63 40.88
N LEU A 51 -0.16 -63.84 39.82
CA LEU A 51 -1.33 -63.02 39.55
C LEU A 51 -2.31 -63.89 38.77
N PHE A 52 -3.41 -64.25 39.43
CA PHE A 52 -4.54 -64.94 38.78
C PHE A 52 -5.69 -63.97 38.51
N LEU A 53 -6.49 -64.26 37.49
CA LEU A 53 -7.59 -63.39 37.06
C LEU A 53 -8.88 -64.20 36.99
N ASN A 54 -9.98 -63.68 37.55
CA ASN A 54 -11.19 -64.50 37.77
C ASN A 54 -12.05 -64.75 36.53
N ASP A 55 -12.30 -63.72 35.73
CA ASP A 55 -13.20 -63.84 34.56
C ASP A 55 -12.40 -63.71 33.26
N TYR A 56 -13.02 -64.12 32.15
CA TYR A 56 -12.46 -63.95 30.80
C TYR A 56 -11.09 -64.59 30.61
N THR A 57 -10.78 -65.62 31.38
CA THR A 57 -9.47 -66.25 31.32
C THR A 57 -9.15 -66.91 29.95
N SER A 58 -10.18 -67.04 29.09
CA SER A 58 -10.08 -67.57 27.73
C SER A 58 -9.61 -66.57 26.67
N VAL A 59 -9.65 -65.27 26.98
CA VAL A 59 -9.19 -64.21 26.05
C VAL A 59 -7.93 -63.42 26.48
N PHE A 60 -7.72 -63.25 27.80
CA PHE A 60 -6.62 -62.45 28.35
C PHE A 60 -5.69 -63.26 29.25
N THR A 61 -4.39 -62.99 29.11
CA THR A 61 -3.33 -63.70 29.84
C THR A 61 -2.34 -62.66 30.43
N VAL A 62 -1.84 -62.94 31.64
CA VAL A 62 -0.91 -62.08 32.36
C VAL A 62 0.53 -62.58 32.13
N THR A 63 1.49 -61.66 32.13
CA THR A 63 2.89 -62.00 31.94
C THR A 63 3.36 -62.78 33.16
N PRO A 64 3.92 -64.01 32.96
CA PRO A 64 4.16 -64.91 34.07
C PRO A 64 5.30 -64.46 35.04
N THR A 65 6.19 -63.60 34.56
CA THR A 65 7.34 -63.14 35.35
C THR A 65 7.38 -61.61 35.41
N GLY A 66 8.45 -61.07 36.00
CA GLY A 66 8.72 -59.64 35.98
C GLY A 66 8.01 -58.91 37.12
N ILE A 67 8.63 -57.82 37.54
CA ILE A 67 8.02 -56.90 38.52
C ILE A 67 6.87 -56.11 37.88
N THR A 68 7.08 -55.63 36.65
CA THR A 68 6.01 -55.04 35.84
C THR A 68 5.44 -56.15 34.94
N ARG A 69 4.11 -56.16 34.76
CA ARG A 69 3.41 -57.23 34.04
C ARG A 69 2.38 -56.68 33.07
N TYR A 70 2.14 -57.43 31.99
CA TYR A 70 1.35 -56.99 30.83
C TYR A 70 0.15 -57.89 30.62
N LEU A 71 -0.97 -57.40 30.10
CA LEU A 71 -2.05 -58.30 29.64
C LEU A 71 -1.89 -58.57 28.14
N THR A 72 -2.22 -59.79 27.67
CA THR A 72 -2.12 -60.17 26.23
C THR A 72 -3.39 -60.85 25.65
N LEU A 73 -3.63 -60.69 24.34
CA LEU A 73 -4.75 -61.35 23.64
C LEU A 73 -4.46 -62.82 23.31
N LEU A 74 -5.34 -63.70 23.81
CA LEU A 74 -5.33 -65.12 23.51
C LEU A 74 -6.17 -65.41 22.26
N GLN A 75 -7.41 -64.93 22.30
CA GLN A 75 -8.38 -65.02 21.22
C GLN A 75 -8.55 -63.58 20.67
N PRO A 76 -8.84 -63.41 19.37
CA PRO A 76 -9.13 -62.05 18.88
C PRO A 76 -10.44 -61.49 19.45
N VAL A 77 -10.51 -60.18 19.66
CA VAL A 77 -11.73 -59.53 20.15
C VAL A 77 -12.53 -58.92 19.01
N ASP A 78 -13.74 -58.50 19.33
CA ASP A 78 -14.56 -57.79 18.38
C ASP A 78 -15.64 -57.13 19.22
N ARG A 79 -15.88 -55.85 18.98
CA ARG A 79 -16.81 -55.04 19.76
C ARG A 79 -18.26 -55.00 19.22
N GLU A 80 -18.59 -55.87 18.28
CA GLU A 80 -19.97 -56.01 17.81
C GLU A 80 -20.80 -56.68 18.90
N GLU A 81 -20.16 -57.61 19.61
CA GLU A 81 -20.62 -58.06 20.93
C GLU A 81 -19.40 -57.98 21.82
N GLN A 82 -19.58 -57.44 23.03
CA GLN A 82 -18.51 -57.30 24.07
C GLN A 82 -17.42 -56.18 23.84
N GLN A 83 -17.86 -54.93 23.96
CA GLN A 83 -16.99 -53.78 23.87
C GLN A 83 -16.32 -53.40 25.20
N THR A 84 -16.63 -54.07 26.31
CA THR A 84 -16.25 -53.57 27.63
C THR A 84 -16.07 -54.73 28.60
N TYR A 85 -14.90 -55.32 28.61
CA TYR A 85 -14.58 -56.37 29.63
C TYR A 85 -14.25 -55.75 31.00
N THR A 86 -14.76 -56.33 32.10
CA THR A 86 -14.34 -55.94 33.48
C THR A 86 -14.15 -57.19 34.32
N PHE A 87 -12.99 -57.33 34.95
CA PHE A 87 -12.67 -58.52 35.71
C PHE A 87 -11.66 -58.15 36.82
N LEU A 88 -11.18 -59.16 37.56
CA LEU A 88 -10.41 -58.96 38.81
C LEU A 88 -9.11 -59.76 38.80
N ILE A 89 -7.97 -59.07 38.75
CA ILE A 89 -6.67 -59.67 39.07
C ILE A 89 -6.62 -59.80 40.59
N THR A 90 -6.07 -60.93 41.05
CA THR A 90 -5.58 -61.13 42.42
C THR A 90 -4.27 -61.94 42.37
N ALA A 91 -3.35 -61.61 43.27
CA ALA A 91 -2.12 -62.39 43.51
C ALA A 91 -2.33 -63.40 44.64
N PHE A 92 -1.71 -64.58 44.50
CA PHE A 92 -1.90 -65.67 45.45
C PHE A 92 -0.51 -66.23 45.69
N ASP A 93 -0.33 -66.85 46.85
CA ASP A 93 0.97 -67.39 47.24
C ASP A 93 0.90 -68.61 48.18
N GLY A 94 -0.27 -69.25 48.27
CA GLY A 94 -0.56 -70.18 49.36
C GLY A 94 -0.77 -69.35 50.61
N VAL A 95 0.35 -68.96 51.23
CA VAL A 95 0.37 -68.09 52.44
C VAL A 95 -0.63 -66.94 52.41
N GLN A 96 -0.62 -66.16 51.34
CA GLN A 96 -1.38 -64.93 51.26
C GLN A 96 -2.15 -64.90 49.95
N GLU A 97 -3.46 -64.64 50.04
CA GLU A 97 -4.27 -64.19 48.90
C GLU A 97 -4.32 -62.66 49.00
N SER A 98 -4.31 -62.00 47.85
CA SER A 98 -4.26 -60.53 47.80
C SER A 98 -5.63 -59.91 48.04
N GLU A 99 -5.66 -58.57 48.05
CA GLU A 99 -6.90 -57.82 47.86
C GLU A 99 -7.03 -57.76 46.35
N PRO A 100 -8.27 -57.79 45.83
CA PRO A 100 -8.47 -57.89 44.38
C PRO A 100 -8.29 -56.57 43.63
N VAL A 101 -7.64 -56.61 42.48
CA VAL A 101 -7.42 -55.43 41.66
C VAL A 101 -8.42 -55.48 40.52
N VAL A 102 -9.04 -54.35 40.21
CA VAL A 102 -10.08 -54.29 39.17
C VAL A 102 -9.42 -53.90 37.85
N VAL A 103 -9.55 -54.74 36.82
CA VAL A 103 -9.09 -54.38 35.45
C VAL A 103 -10.32 -54.16 34.58
N ASN A 104 -10.39 -53.00 33.91
CA ASN A 104 -11.47 -52.63 32.98
C ASN A 104 -10.86 -52.41 31.63
N ILE A 105 -11.43 -52.97 30.55
CA ILE A 105 -10.88 -52.82 29.17
C ILE A 105 -11.93 -52.29 28.21
N ARG A 106 -11.49 -51.61 27.17
CA ARG A 106 -12.40 -51.14 26.15
C ARG A 106 -11.87 -51.52 24.80
N VAL A 107 -12.72 -52.21 24.04
CA VAL A 107 -12.38 -52.64 22.71
C VAL A 107 -12.89 -51.53 21.81
N MET A 108 -11.98 -50.79 21.24
CA MET A 108 -12.34 -49.59 20.48
C MET A 108 -12.46 -49.96 18.99
N ASP A 109 -13.27 -49.20 18.23
CA ASP A 109 -13.68 -49.53 16.85
C ASP A 109 -12.60 -49.16 15.85
N ALA A 110 -12.40 -49.97 14.82
CA ALA A 110 -11.35 -49.74 13.83
C ALA A 110 -11.68 -48.56 12.92
N ASN A 111 -10.65 -47.92 12.36
CA ASN A 111 -10.85 -46.75 11.50
C ASN A 111 -11.09 -47.24 10.08
N ASP A 112 -12.31 -47.11 9.61
CA ASP A 112 -12.68 -47.62 8.31
C ASP A 112 -12.62 -46.54 7.23
N ASN A 113 -12.81 -45.28 7.61
CA ASN A 113 -13.04 -44.15 6.66
C ASN A 113 -12.03 -43.00 6.76
N THR A 114 -11.59 -42.48 5.60
CA THR A 114 -10.69 -41.32 5.49
C THR A 114 -11.55 -40.07 5.39
N PRO A 115 -11.28 -39.02 6.20
CA PRO A 115 -12.13 -37.84 6.07
C PRO A 115 -11.78 -37.20 4.74
N THR A 116 -12.78 -36.98 3.89
CA THR A 116 -12.57 -36.55 2.51
C THR A 116 -13.40 -35.34 2.16
N PHE A 117 -12.78 -34.39 1.46
CA PHE A 117 -13.43 -33.15 1.06
C PHE A 117 -14.27 -33.40 -0.18
N PRO A 118 -15.34 -32.60 -0.38
CA PRO A 118 -16.10 -32.76 -1.61
C PRO A 118 -15.21 -32.49 -2.83
N GLU A 119 -14.49 -31.37 -2.81
CA GLU A 119 -13.61 -30.96 -3.89
C GLU A 119 -12.13 -31.08 -3.54
N ILE A 120 -11.33 -31.26 -4.58
CA ILE A 120 -9.89 -31.44 -4.48
C ILE A 120 -9.27 -30.04 -4.33
N SER A 121 -9.83 -29.08 -5.05
CA SER A 121 -9.40 -27.70 -4.97
C SER A 121 -10.60 -26.79 -4.87
N TYR A 122 -10.34 -25.57 -4.43
CA TYR A 122 -11.35 -24.53 -4.34
C TYR A 122 -10.78 -23.19 -4.88
N ASP A 123 -11.62 -22.45 -5.58
CA ASP A 123 -11.28 -21.12 -6.06
C ASP A 123 -12.14 -20.11 -5.25
N VAL A 124 -11.52 -19.06 -4.70
CA VAL A 124 -12.23 -18.08 -3.88
C VAL A 124 -11.54 -16.72 -3.93
N TYR A 125 -12.34 -15.65 -3.98
CA TYR A 125 -11.83 -14.29 -3.95
C TYR A 125 -11.90 -13.67 -2.57
N VAL A 126 -11.05 -12.66 -2.40
CA VAL A 126 -10.88 -11.93 -1.19
C VAL A 126 -10.76 -10.48 -1.62
N TYR A 127 -11.25 -9.59 -0.78
CA TYR A 127 -11.36 -8.18 -1.14
C TYR A 127 -10.63 -7.40 -0.07
N THR A 128 -9.88 -6.38 -0.48
CA THR A 128 -8.96 -5.73 0.45
C THR A 128 -9.64 -5.07 1.63
N ASP A 129 -10.88 -4.63 1.44
CA ASP A 129 -11.64 -4.02 2.51
C ASP A 129 -11.97 -4.96 3.69
N MET A 130 -11.92 -6.28 3.50
CA MET A 130 -12.33 -7.20 4.56
C MET A 130 -11.26 -7.36 5.65
N SER A 131 -11.70 -7.18 6.91
CA SER A 131 -10.82 -7.07 8.08
C SER A 131 -10.31 -8.41 8.53
N PRO A 132 -9.42 -8.41 9.54
CA PRO A 132 -9.12 -9.65 10.23
C PRO A 132 -10.35 -10.25 10.84
N GLY A 133 -10.45 -11.57 10.80
CA GLY A 133 -11.64 -12.27 11.31
C GLY A 133 -12.78 -12.48 10.34
N ASP A 134 -12.90 -11.61 9.32
CA ASP A 134 -13.84 -11.82 8.22
C ASP A 134 -13.53 -13.17 7.54
N SER A 135 -14.59 -13.85 7.10
CA SER A 135 -14.50 -15.25 6.68
C SER A 135 -14.21 -15.38 5.19
N VAL A 136 -13.43 -16.39 4.82
CA VAL A 136 -13.05 -16.58 3.43
C VAL A 136 -13.89 -17.71 2.79
N ILE A 137 -13.74 -18.92 3.32
CA ILE A 137 -14.37 -20.10 2.73
C ILE A 137 -14.57 -21.16 3.80
N GLN A 138 -15.83 -21.56 3.98
CA GLN A 138 -16.19 -22.71 4.78
C GLN A 138 -15.98 -23.92 3.91
N LEU A 139 -15.31 -24.90 4.45
CA LEU A 139 -15.15 -26.13 3.72
C LEU A 139 -15.24 -27.24 4.71
N THR A 140 -15.78 -28.37 4.28
CA THR A 140 -16.14 -29.43 5.20
C THR A 140 -15.75 -30.79 4.62
N ALA A 141 -14.78 -31.46 5.22
CA ALA A 141 -14.56 -32.87 4.92
C ALA A 141 -15.62 -33.67 5.63
N VAL A 142 -15.74 -34.94 5.22
CA VAL A 142 -16.72 -35.82 5.82
C VAL A 142 -16.13 -37.20 6.02
N ASP A 143 -16.07 -37.60 7.28
CA ASP A 143 -15.55 -38.88 7.70
C ASP A 143 -16.77 -39.52 8.30
N ALA A 144 -17.23 -40.59 7.66
CA ALA A 144 -18.48 -41.26 8.04
C ALA A 144 -18.34 -42.16 9.28
N ASP A 145 -17.11 -42.44 9.68
CA ASP A 145 -16.90 -43.33 10.78
C ASP A 145 -17.54 -42.77 12.01
N GLU A 146 -18.33 -43.62 12.63
CA GLU A 146 -18.96 -43.23 13.88
C GLU A 146 -17.93 -43.02 15.02
N GLY A 147 -18.34 -42.18 15.95
CA GLY A 147 -17.62 -41.98 17.20
C GLY A 147 -16.55 -40.92 17.11
N SER A 148 -15.31 -41.32 17.35
CA SER A 148 -14.14 -40.41 17.31
C SER A 148 -13.15 -40.72 16.19
N ASN A 149 -13.23 -41.90 15.59
CA ASN A 149 -12.68 -42.21 14.28
C ASN A 149 -13.32 -41.37 13.16
N GLY A 150 -14.24 -40.47 13.48
CA GLY A 150 -14.65 -39.49 12.50
C GLY A 150 -14.79 -38.09 13.02
N GLU A 151 -14.30 -37.79 14.23
CA GLU A 151 -14.20 -36.41 14.69
C GLU A 151 -13.07 -35.71 13.90
N ILE A 152 -13.47 -34.87 12.94
CA ILE A 152 -12.51 -34.26 12.03
C ILE A 152 -11.90 -33.02 12.67
N SER A 153 -10.57 -32.91 12.46
CA SER A 153 -9.76 -31.73 12.78
C SER A 153 -9.12 -31.14 11.52
N TYR A 154 -9.20 -29.82 11.34
CA TYR A 154 -8.63 -29.08 10.21
C TYR A 154 -7.41 -28.23 10.58
N GLU A 155 -6.30 -28.46 9.88
CA GLU A 155 -5.09 -27.63 9.90
C GLU A 155 -4.84 -27.06 8.48
N ILE A 156 -4.35 -25.82 8.42
CA ILE A 156 -3.71 -25.29 7.21
C ILE A 156 -2.23 -25.64 7.26
N LEU A 157 -1.76 -26.48 6.33
CA LEU A 157 -0.37 -26.92 6.38
C LEU A 157 0.55 -25.79 5.95
N VAL A 158 0.43 -25.36 4.69
CA VAL A 158 1.31 -24.33 4.12
C VAL A 158 0.62 -23.45 3.08
N GLY A 159 1.22 -22.30 2.83
CA GLY A 159 0.87 -21.49 1.67
C GLY A 159 -0.20 -20.43 1.88
N GLY A 160 -0.63 -20.27 3.13
CA GLY A 160 -1.42 -19.12 3.56
C GLY A 160 -0.57 -17.92 3.92
N LYS A 161 0.76 -18.14 4.02
CA LYS A 161 1.72 -17.11 4.42
C LYS A 161 1.35 -16.47 5.77
N GLY A 162 0.55 -17.21 6.56
CA GLY A 162 -0.05 -16.75 7.80
C GLY A 162 -0.97 -15.57 7.67
N ASP A 163 -1.52 -15.35 6.49
CA ASP A 163 -2.55 -14.34 6.28
C ASP A 163 -3.95 -14.95 6.46
N PHE A 164 -4.04 -16.28 6.42
CA PHE A 164 -5.27 -16.97 6.64
C PHE A 164 -5.04 -17.98 7.73
N VAL A 165 -6.12 -18.28 8.46
CA VAL A 165 -6.13 -19.26 9.52
C VAL A 165 -7.51 -19.95 9.50
N ILE A 166 -7.50 -21.27 9.71
CA ILE A 166 -8.70 -22.10 9.68
C ILE A 166 -9.15 -22.40 11.11
N ASN A 167 -10.38 -22.85 11.25
CA ASN A 167 -10.90 -23.24 12.55
C ASN A 167 -10.65 -24.72 12.75
N LYS A 168 -9.91 -25.06 13.80
CA LYS A 168 -9.57 -26.46 14.10
C LYS A 168 -10.77 -27.39 13.96
N THR A 169 -11.95 -26.98 14.41
CA THR A 169 -13.14 -27.87 14.44
C THR A 169 -14.24 -27.59 13.39
N THR A 170 -14.50 -26.33 13.03
CA THR A 170 -15.62 -26.01 12.10
C THR A 170 -15.27 -26.12 10.62
N GLY A 171 -14.02 -25.78 10.25
CA GLY A 171 -13.49 -25.85 8.88
C GLY A 171 -13.64 -24.57 8.07
N LEU A 172 -13.72 -23.44 8.77
CA LEU A 172 -13.88 -22.15 8.16
C LEU A 172 -12.54 -21.43 8.19
N VAL A 173 -12.11 -21.01 7.01
CA VAL A 173 -10.92 -20.23 6.80
C VAL A 173 -11.37 -18.79 6.91
N SER A 174 -10.75 -18.04 7.83
CA SER A 174 -10.97 -16.60 7.96
C SER A 174 -9.61 -15.91 7.89
N ILE A 175 -9.65 -14.58 7.81
CA ILE A 175 -8.47 -13.72 7.77
C ILE A 175 -7.70 -13.70 9.10
N ALA A 176 -6.38 -13.87 9.04
CA ALA A 176 -5.55 -13.93 10.22
C ALA A 176 -5.46 -12.59 10.92
N PRO A 177 -5.15 -12.58 12.23
CA PRO A 177 -5.03 -11.32 12.98
C PRO A 177 -4.12 -10.25 12.33
N GLY A 178 -4.63 -9.03 12.23
CA GLY A 178 -3.90 -7.88 11.68
C GLY A 178 -3.16 -8.02 10.36
N VAL A 179 -3.86 -8.36 9.28
CA VAL A 179 -3.20 -8.59 7.99
C VAL A 179 -3.29 -7.45 6.96
N GLU A 180 -4.47 -6.84 6.73
CA GLU A 180 -4.63 -5.87 5.63
C GLU A 180 -3.98 -6.34 4.29
N LEU A 181 -4.65 -7.30 3.68
CA LEU A 181 -4.28 -7.86 2.35
C LEU A 181 -4.02 -6.85 1.23
N ILE A 182 -2.91 -7.04 0.54
CA ILE A 182 -2.55 -6.26 -0.68
C ILE A 182 -3.22 -6.83 -1.93
N VAL A 183 -3.57 -6.00 -2.93
CA VAL A 183 -4.27 -6.50 -4.14
C VAL A 183 -3.36 -7.36 -5.01
N GLY A 184 -3.96 -7.98 -6.02
CA GLY A 184 -3.22 -8.80 -6.99
C GLY A 184 -2.35 -9.89 -6.40
N GLN A 185 -2.71 -10.35 -5.22
CA GLN A 185 -1.91 -11.26 -4.44
C GLN A 185 -2.64 -12.61 -4.47
N THR A 186 -1.96 -13.66 -4.92
CA THR A 186 -2.55 -14.97 -5.01
C THR A 186 -2.08 -15.79 -3.82
N TYR A 187 -2.72 -16.93 -3.60
CA TYR A 187 -2.35 -17.83 -2.53
C TYR A 187 -2.70 -19.24 -2.93
N ALA A 188 -1.96 -20.21 -2.41
CA ALA A 188 -2.36 -21.60 -2.50
C ALA A 188 -2.23 -22.21 -1.12
N LEU A 189 -3.32 -22.11 -0.36
CA LEU A 189 -3.42 -22.80 0.94
C LEU A 189 -3.56 -24.27 0.65
N THR A 190 -2.99 -25.07 1.54
CA THR A 190 -3.23 -26.49 1.55
C THR A 190 -3.74 -26.82 2.94
N VAL A 191 -5.00 -27.21 2.99
CA VAL A 191 -5.64 -27.60 4.24
C VAL A 191 -5.62 -29.12 4.31
N GLN A 192 -5.70 -29.64 5.53
CA GLN A 192 -5.68 -31.07 5.82
C GLN A 192 -6.82 -31.36 6.81
N ALA A 193 -7.63 -32.36 6.48
CA ALA A 193 -8.62 -32.92 7.39
C ALA A 193 -8.08 -34.24 7.93
N SER A 194 -8.07 -34.41 9.24
CA SER A 194 -7.62 -35.68 9.82
C SER A 194 -8.58 -36.02 10.92
N ASP A 195 -8.83 -37.31 11.09
CA ASP A 195 -9.76 -37.82 12.12
C ASP A 195 -9.00 -37.96 13.43
N ASN A 196 -9.72 -37.84 14.54
CA ASN A 196 -9.12 -37.98 15.86
C ASN A 196 -9.02 -39.44 16.29
N ALA A 197 -8.43 -40.27 15.44
CA ALA A 197 -8.35 -41.70 15.70
C ALA A 197 -7.00 -41.89 16.37
N PRO A 198 -6.69 -43.11 16.81
CA PRO A 198 -5.35 -43.29 17.39
C PRO A 198 -4.28 -43.26 16.29
N PRO A 199 -3.09 -42.71 16.61
CA PRO A 199 -2.01 -42.46 15.65
C PRO A 199 -1.77 -43.51 14.57
N ALA A 200 -1.50 -44.74 14.99
CA ALA A 200 -1.13 -45.78 14.05
C ALA A 200 -2.26 -46.11 13.06
N GLU A 201 -3.51 -46.03 13.52
CA GLU A 201 -4.70 -46.25 12.70
C GLU A 201 -5.47 -44.93 12.57
N ARG A 202 -4.98 -44.03 11.71
CA ARG A 202 -5.59 -42.71 11.53
C ARG A 202 -5.37 -42.19 10.12
N ARG A 203 -6.42 -41.60 9.56
CA ARG A 203 -6.44 -41.22 8.17
C ARG A 203 -6.51 -39.72 8.03
N HIS A 204 -6.03 -39.20 6.90
CA HIS A 204 -6.13 -37.78 6.60
C HIS A 204 -6.22 -37.57 5.08
N SER A 205 -6.82 -36.45 4.65
CA SER A 205 -6.75 -36.07 3.24
C SER A 205 -6.53 -34.57 3.12
N ILE A 206 -5.73 -34.16 2.13
CA ILE A 206 -5.40 -32.74 1.92
C ILE A 206 -6.20 -32.08 0.82
N CYS A 207 -6.24 -30.76 0.92
CA CYS A 207 -6.99 -29.98 -0.04
C CYS A 207 -6.47 -28.54 -0.27
N THR A 208 -6.76 -28.03 -1.47
CA THR A 208 -6.08 -26.85 -1.98
C THR A 208 -7.00 -25.69 -2.30
N VAL A 209 -6.94 -24.67 -1.46
CA VAL A 209 -7.66 -23.42 -1.68
C VAL A 209 -6.76 -22.42 -2.43
N TYR A 210 -7.12 -22.11 -3.66
CA TYR A 210 -6.49 -21.04 -4.40
C TYR A 210 -7.22 -19.74 -4.13
N ILE A 211 -6.52 -18.77 -3.54
CA ILE A 211 -7.12 -17.45 -3.25
C ILE A 211 -6.45 -16.35 -4.08
N GLU A 212 -7.25 -15.40 -4.57
CA GLU A 212 -6.76 -14.15 -5.19
C GLU A 212 -7.40 -12.98 -4.45
N VAL A 213 -6.65 -11.87 -4.34
CA VAL A 213 -7.14 -10.64 -3.71
C VAL A 213 -7.57 -9.64 -4.78
N LEU A 214 -8.80 -9.16 -4.62
CA LEU A 214 -9.35 -8.09 -5.48
C LEU A 214 -9.46 -6.79 -4.70
N PRO A 215 -9.68 -5.67 -5.40
CA PRO A 215 -10.02 -4.45 -4.70
C PRO A 215 -11.49 -4.50 -4.25
N PRO A 216 -11.87 -3.66 -3.27
CA PRO A 216 -13.25 -3.65 -2.78
C PRO A 216 -14.28 -3.61 -3.91
N ASN A 217 -15.27 -4.51 -3.84
CA ASN A 217 -16.29 -4.66 -4.87
C ASN A 217 -15.75 -4.96 -6.27
N ASN A 218 -14.48 -5.38 -6.35
CA ASN A 218 -13.73 -5.51 -7.59
C ASN A 218 -13.90 -4.23 -8.39
N GLN A 219 -13.56 -3.13 -7.75
CA GLN A 219 -13.71 -1.82 -8.35
C GLN A 219 -12.68 -0.92 -7.72
N SER A 220 -12.21 0.03 -8.50
CA SER A 220 -11.24 0.97 -8.02
C SER A 220 -11.63 2.31 -8.63
N PRO A 221 -10.94 3.41 -8.25
CA PRO A 221 -11.07 4.64 -9.03
C PRO A 221 -10.23 4.57 -10.31
N PRO A 222 -10.36 5.57 -11.20
CA PRO A 222 -9.43 5.72 -12.29
C PRO A 222 -8.24 6.43 -11.71
N ARG A 223 -7.05 5.91 -11.95
CA ARG A 223 -5.86 6.47 -11.36
C ARG A 223 -5.10 7.36 -12.34
N PHE A 224 -4.38 8.33 -11.76
CA PHE A 224 -3.52 9.23 -12.48
C PHE A 224 -2.11 8.62 -12.50
N PRO A 225 -1.38 8.79 -13.61
CA PRO A 225 -0.03 8.26 -13.60
C PRO A 225 0.89 8.95 -12.61
N GLN A 226 0.55 10.18 -12.20
CA GLN A 226 1.21 10.82 -11.05
C GLN A 226 0.25 11.62 -10.17
N LEU A 227 0.69 11.95 -8.96
CA LEU A 227 -0.12 12.69 -7.98
C LEU A 227 0.03 14.20 -8.12
N MET A 228 1.27 14.62 -8.43
CA MET A 228 1.59 16.02 -8.73
C MET A 228 2.21 16.20 -10.10
N TYR A 229 1.93 17.33 -10.74
CA TYR A 229 2.40 17.68 -12.07
C TYR A 229 3.08 19.06 -12.02
N SER A 230 4.34 19.17 -12.46
CA SER A 230 5.07 20.46 -12.41
C SER A 230 5.22 21.07 -13.82
N LEU A 231 4.35 22.02 -14.14
CA LEU A 231 4.33 22.62 -15.47
C LEU A 231 5.10 23.93 -15.50
N GLU A 232 5.52 24.29 -16.71
CA GLU A 232 5.98 25.63 -17.07
C GLU A 232 5.05 26.07 -18.19
N VAL A 233 4.61 27.31 -18.18
CA VAL A 233 3.83 27.85 -19.28
C VAL A 233 4.40 29.21 -19.58
N SER A 234 4.39 29.62 -20.85
CA SER A 234 4.75 30.98 -21.22
C SER A 234 3.48 31.81 -21.13
N GLU A 235 3.48 32.90 -20.35
CA GLU A 235 2.42 33.92 -20.44
C GLU A 235 1.98 34.21 -21.89
N ALA A 236 2.89 34.13 -22.86
CA ALA A 236 2.58 34.29 -24.30
C ALA A 236 1.75 33.20 -24.96
N MET A 237 1.67 32.02 -24.35
CA MET A 237 0.97 30.86 -24.91
C MET A 237 -0.44 31.20 -25.33
N ARG A 238 -0.86 30.68 -26.49
CA ARG A 238 -2.14 31.02 -27.08
C ARG A 238 -3.30 30.53 -26.30
N ILE A 239 -4.46 31.08 -26.61
CA ILE A 239 -5.73 30.62 -26.07
C ILE A 239 -6.11 29.34 -26.85
N GLY A 240 -6.45 28.30 -26.13
CA GLY A 240 -6.78 27.02 -26.75
C GLY A 240 -5.62 26.05 -26.88
N ALA A 241 -4.39 26.54 -26.70
CA ALA A 241 -3.18 25.70 -26.78
C ALA A 241 -3.13 24.77 -25.60
N ILE A 242 -2.82 23.51 -25.87
CA ILE A 242 -2.91 22.50 -24.81
C ILE A 242 -1.67 22.56 -23.88
N LEU A 243 -1.94 22.47 -22.60
CA LEU A 243 -0.92 22.45 -21.56
C LEU A 243 -0.48 21.04 -21.23
N LEU A 244 -1.44 20.11 -21.16
CA LEU A 244 -1.21 18.84 -20.46
C LEU A 244 -2.34 17.82 -20.62
N ASN A 245 -2.04 16.61 -21.07
CA ASN A 245 -3.07 15.57 -21.15
C ASN A 245 -3.08 14.81 -19.82
N LEU A 246 -4.25 14.63 -19.22
CA LEU A 246 -4.35 13.93 -17.92
C LEU A 246 -4.87 12.52 -18.13
N GLN A 247 -3.98 11.63 -18.54
CA GLN A 247 -4.37 10.28 -18.97
C GLN A 247 -4.62 9.39 -17.76
N ALA A 248 -5.83 9.40 -17.25
CA ALA A 248 -6.16 8.53 -16.12
C ALA A 248 -6.79 7.26 -16.66
N THR A 249 -6.13 6.14 -16.43
CA THR A 249 -6.64 4.83 -16.77
C THR A 249 -7.53 4.27 -15.65
N ASP A 250 -8.61 3.58 -16.01
CA ASP A 250 -9.51 2.95 -15.06
C ASP A 250 -9.42 1.44 -15.20
N ARG A 251 -9.08 0.72 -14.12
CA ARG A 251 -8.79 -0.72 -14.23
C ARG A 251 -9.95 -1.50 -14.83
N GLU A 252 -11.15 -1.22 -14.34
CA GLU A 252 -12.36 -1.94 -14.70
C GLU A 252 -12.95 -1.54 -16.05
N GLY A 253 -12.41 -0.50 -16.67
CA GLY A 253 -12.92 -0.01 -17.96
C GLY A 253 -14.11 0.92 -17.86
N ASP A 254 -14.32 1.51 -16.69
CA ASP A 254 -15.40 2.51 -16.50
C ASP A 254 -15.08 3.78 -17.29
N PRO A 255 -16.11 4.53 -17.73
CA PRO A 255 -15.82 5.81 -18.34
C PRO A 255 -15.34 6.86 -17.32
N ILE A 256 -14.41 7.71 -17.76
CA ILE A 256 -13.72 8.64 -16.87
C ILE A 256 -14.20 10.08 -17.13
N THR A 257 -14.49 10.78 -16.03
CA THR A 257 -14.94 12.16 -16.02
C THR A 257 -13.91 12.98 -15.27
N TYR A 258 -13.24 13.84 -16.01
CA TYR A 258 -12.30 14.79 -15.43
C TYR A 258 -13.00 16.11 -15.10
N ALA A 259 -12.49 16.81 -14.09
CA ALA A 259 -12.89 18.19 -13.81
C ALA A 259 -11.89 18.87 -12.87
N ILE A 260 -11.57 20.13 -13.15
CA ILE A 260 -10.90 21.03 -12.16
C ILE A 260 -11.84 21.27 -10.97
N GLU A 261 -11.29 21.27 -9.75
CA GLU A 261 -12.06 21.40 -8.50
C GLU A 261 -11.62 22.58 -7.63
N ASN A 262 -10.33 22.87 -7.58
CA ASN A 262 -9.79 24.00 -6.85
C ASN A 262 -8.76 24.72 -7.74
N GLY A 263 -8.19 25.80 -7.22
CA GLY A 263 -7.05 26.46 -7.84
C GLY A 263 -7.28 27.34 -9.05
N ASP A 264 -8.49 27.33 -9.60
CA ASP A 264 -8.85 28.24 -10.68
C ASP A 264 -10.28 28.69 -10.51
N PRO A 265 -10.46 29.84 -9.83
CA PRO A 265 -11.76 30.46 -9.70
C PRO A 265 -12.10 31.34 -10.92
N GLN A 266 -11.16 31.49 -11.86
CA GLN A 266 -11.35 32.35 -13.02
C GLN A 266 -11.80 31.61 -14.29
N ARG A 267 -11.81 30.28 -14.26
CA ARG A 267 -11.67 29.40 -15.44
C ARG A 267 -10.80 29.94 -16.62
N VAL A 268 -9.60 30.39 -16.24
CA VAL A 268 -8.51 30.61 -17.18
C VAL A 268 -8.09 29.31 -17.88
N PHE A 269 -8.28 28.17 -17.22
CA PHE A 269 -7.99 26.86 -17.80
C PHE A 269 -9.24 26.03 -18.08
N ASN A 270 -9.16 25.18 -19.12
CA ASN A 270 -10.25 24.29 -19.53
C ASN A 270 -9.76 22.85 -19.64
N LEU A 271 -10.18 21.99 -18.71
CA LEU A 271 -9.87 20.57 -18.74
C LEU A 271 -11.05 19.85 -19.35
N SER A 272 -10.81 19.07 -20.41
CA SER A 272 -11.90 18.37 -21.10
C SER A 272 -12.58 17.38 -20.17
N GLU A 273 -13.91 17.44 -20.12
CA GLU A 273 -14.70 16.52 -19.31
C GLU A 273 -14.46 15.06 -19.71
N THR A 274 -14.30 14.83 -21.01
CA THR A 274 -14.18 13.47 -21.56
C THR A 274 -12.73 13.05 -21.85
N THR A 275 -11.98 13.90 -22.57
CA THR A 275 -10.62 13.57 -23.06
C THR A 275 -9.47 13.83 -22.07
N GLY A 276 -9.72 14.61 -21.03
CA GLY A 276 -8.67 14.96 -20.07
C GLY A 276 -7.56 15.91 -20.53
N ILE A 277 -7.66 16.48 -21.72
CA ILE A 277 -6.68 17.46 -22.19
C ILE A 277 -7.00 18.81 -21.55
N LEU A 278 -5.95 19.46 -21.08
CA LEU A 278 -6.05 20.73 -20.36
C LEU A 278 -5.55 21.85 -21.26
N SER A 279 -6.49 22.51 -21.92
CA SER A 279 -6.21 23.70 -22.72
C SER A 279 -6.22 24.97 -21.85
N LEU A 280 -5.90 26.09 -22.48
CA LEU A 280 -5.89 27.40 -21.87
C LEU A 280 -7.08 28.16 -22.38
N GLY A 281 -7.84 28.80 -21.49
CA GLY A 281 -9.11 29.47 -21.84
C GLY A 281 -9.08 31.00 -21.90
N LYS A 282 -8.29 31.61 -21.03
CA LYS A 282 -8.05 33.05 -21.01
C LYS A 282 -6.57 33.33 -21.14
N ALA A 283 -6.25 34.49 -21.69
CA ALA A 283 -4.86 34.94 -21.86
C ALA A 283 -4.10 35.02 -20.54
N LEU A 284 -2.86 34.58 -20.52
CA LEU A 284 -2.02 34.69 -19.33
C LEU A 284 -1.18 35.96 -19.37
N ASP A 285 -0.96 36.49 -18.17
CA ASP A 285 -0.08 37.61 -17.93
C ASP A 285 0.62 37.16 -16.69
N ARG A 286 1.93 37.26 -16.67
CA ARG A 286 2.73 36.85 -15.52
C ARG A 286 2.99 38.05 -14.64
N GLU A 287 2.95 39.23 -15.25
CA GLU A 287 3.19 40.46 -14.52
C GLU A 287 2.27 40.43 -13.33
N SER A 288 1.02 40.03 -13.58
CA SER A 288 0.02 39.94 -12.54
C SER A 288 0.10 38.71 -11.64
N THR A 289 -0.36 37.57 -12.12
CA THR A 289 -0.29 36.36 -11.30
C THR A 289 0.59 35.40 -12.03
N ASP A 290 1.52 34.83 -11.28
CA ASP A 290 2.63 34.12 -11.87
C ASP A 290 2.66 32.63 -11.53
N ARG A 291 1.54 32.07 -11.07
CA ARG A 291 1.50 30.66 -10.66
C ARG A 291 0.10 30.25 -10.22
N TYR A 292 -0.44 29.22 -10.85
CA TYR A 292 -1.70 28.59 -10.49
C TYR A 292 -1.41 27.20 -9.91
N ILE A 293 -2.22 26.71 -8.96
CA ILE A 293 -2.13 25.31 -8.49
C ILE A 293 -3.53 24.71 -8.40
N LEU A 294 -3.90 23.93 -9.40
CA LEU A 294 -5.26 23.38 -9.52
C LEU A 294 -5.33 22.06 -8.78
N ILE A 295 -6.56 21.58 -8.63
CA ILE A 295 -6.83 20.23 -8.17
C ILE A 295 -7.76 19.62 -9.23
N VAL A 296 -7.44 18.40 -9.68
CA VAL A 296 -8.21 17.73 -10.72
C VAL A 296 -8.55 16.35 -10.25
N THR A 297 -9.58 15.80 -10.88
CA THR A 297 -10.25 14.58 -10.45
C THR A 297 -10.68 13.73 -11.63
N ALA A 298 -10.59 12.42 -11.47
CA ALA A 298 -11.08 11.48 -12.43
C ALA A 298 -11.94 10.51 -11.63
N SER A 299 -13.06 10.07 -12.16
CA SER A 299 -13.90 9.16 -11.38
C SER A 299 -14.83 8.34 -12.20
N ASP A 300 -15.22 7.19 -11.66
CA ASP A 300 -16.16 6.26 -12.29
C ASP A 300 -17.53 6.88 -12.31
N GLY A 301 -17.98 7.31 -11.14
CA GLY A 301 -19.37 7.61 -10.93
C GLY A 301 -19.74 6.95 -9.64
N ARG A 302 -19.34 5.67 -9.53
CA ARG A 302 -19.37 4.85 -8.31
C ARG A 302 -18.97 5.70 -7.13
N PRO A 303 -19.84 5.86 -6.10
CA PRO A 303 -19.65 6.94 -5.12
C PRO A 303 -18.21 7.00 -4.59
N ASP A 304 -17.67 5.82 -4.29
CA ASP A 304 -16.33 5.73 -3.73
C ASP A 304 -15.22 5.95 -4.77
N GLY A 305 -15.52 5.61 -6.02
CA GLY A 305 -14.54 5.63 -7.08
C GLY A 305 -14.19 7.01 -7.53
N THR A 306 -13.15 7.61 -6.97
CA THR A 306 -12.69 8.93 -7.42
C THR A 306 -11.26 9.16 -6.98
N SER A 307 -10.41 9.62 -7.91
CA SER A 307 -9.04 10.00 -7.59
C SER A 307 -8.87 11.51 -7.73
N THR A 308 -7.80 12.02 -7.11
CA THR A 308 -7.46 13.44 -7.21
C THR A 308 -6.00 13.59 -7.63
N ALA A 309 -5.64 14.81 -7.98
CA ALA A 309 -4.26 15.11 -8.38
C ALA A 309 -4.09 16.60 -8.44
N THR A 310 -2.85 17.05 -8.18
CA THR A 310 -2.54 18.49 -8.10
C THR A 310 -1.57 18.89 -9.22
N VAL A 311 -1.90 19.96 -9.94
CA VAL A 311 -1.12 20.40 -11.08
C VAL A 311 -0.59 21.83 -10.80
N ASN A 312 0.74 22.02 -10.88
CA ASN A 312 1.41 23.29 -10.56
C ASN A 312 1.84 24.03 -11.80
N ILE A 313 0.97 24.91 -12.29
CA ILE A 313 1.30 25.80 -13.41
C ILE A 313 2.25 26.85 -12.85
N VAL A 314 3.40 27.06 -13.49
CA VAL A 314 4.27 28.19 -13.19
C VAL A 314 4.39 28.95 -14.49
N VAL A 315 3.94 30.20 -14.54
CA VAL A 315 4.00 30.95 -15.80
C VAL A 315 5.33 31.65 -15.94
N THR A 316 5.88 31.60 -17.16
CA THR A 316 7.26 31.95 -17.47
C THR A 316 7.20 33.19 -18.34
N ASP A 317 8.29 33.94 -18.32
CA ASP A 317 8.30 35.30 -18.84
C ASP A 317 8.75 35.44 -20.30
N VAL A 318 8.14 36.43 -20.94
CA VAL A 318 8.51 36.90 -22.24
C VAL A 318 8.64 38.40 -22.07
N ASN A 319 9.50 39.01 -22.86
CA ASN A 319 9.68 40.45 -22.87
C ASN A 319 8.48 41.11 -23.57
N ASP A 320 7.52 41.59 -22.79
CA ASP A 320 6.31 42.19 -23.31
C ASP A 320 6.16 43.54 -22.67
N ASN A 321 7.24 44.05 -22.09
CA ASN A 321 7.18 45.29 -21.37
C ASN A 321 8.45 46.09 -21.64
N ALA A 322 8.24 47.26 -22.23
CA ALA A 322 9.29 48.24 -22.39
C ALA A 322 9.63 48.81 -21.02
N PRO A 323 10.93 49.09 -20.81
CA PRO A 323 11.31 49.80 -19.57
C PRO A 323 10.65 51.17 -19.54
N VAL A 324 9.92 51.46 -18.47
CA VAL A 324 9.25 52.76 -18.25
C VAL A 324 10.10 53.64 -17.31
N PHE A 325 10.30 54.91 -17.69
CA PHE A 325 10.97 55.87 -16.85
C PHE A 325 9.99 56.27 -15.75
N ASP A 326 10.53 56.56 -14.56
CA ASP A 326 9.69 56.98 -13.44
C ASP A 326 9.09 58.31 -13.84
N PRO A 327 7.78 58.49 -13.64
CA PRO A 327 7.09 59.63 -14.23
C PRO A 327 7.57 61.00 -13.75
N TYR A 328 8.01 61.05 -12.49
CA TYR A 328 8.21 62.31 -11.78
C TYR A 328 9.68 62.72 -11.71
N LEU A 329 10.51 62.11 -12.54
CA LEU A 329 11.88 62.52 -12.61
C LEU A 329 11.95 64.02 -12.91
N PRO A 330 12.76 64.78 -12.15
CA PRO A 330 13.08 66.11 -12.63
C PRO A 330 13.59 66.10 -14.09
N ARG A 331 12.93 66.85 -14.97
CA ARG A 331 13.33 66.94 -16.37
C ARG A 331 14.17 68.18 -16.64
N ASN A 332 14.06 69.19 -15.78
CA ASN A 332 14.82 70.42 -15.98
C ASN A 332 16.05 70.36 -15.10
N LEU A 333 17.21 70.26 -15.73
CA LEU A 333 18.48 70.13 -15.00
C LEU A 333 19.43 71.30 -15.23
N SER A 334 20.49 71.33 -14.43
CA SER A 334 21.55 72.34 -14.50
C SER A 334 22.94 71.78 -14.20
N VAL A 335 23.91 72.22 -15.01
CA VAL A 335 25.34 71.86 -14.90
C VAL A 335 26.21 73.12 -15.08
N VAL A 336 27.32 73.19 -14.35
CA VAL A 336 28.20 74.37 -14.34
C VAL A 336 28.73 74.83 -15.73
N GLU A 337 29.04 76.12 -15.79
CA GLU A 337 29.67 76.79 -16.96
C GLU A 337 30.61 75.93 -17.80
N GLU A 338 31.71 75.50 -17.20
CA GLU A 338 32.83 74.97 -17.98
C GLU A 338 33.55 73.90 -17.21
N GLU A 339 33.12 72.65 -17.37
CA GLU A 339 33.80 71.55 -16.70
C GLU A 339 33.59 70.19 -17.34
N ALA A 340 34.39 69.21 -16.87
CA ALA A 340 34.26 67.84 -17.34
C ALA A 340 34.19 66.88 -16.19
N ASN A 341 33.43 65.79 -16.39
CA ASN A 341 32.99 64.89 -15.30
C ASN A 341 32.18 65.66 -14.26
N ALA A 342 31.25 66.48 -14.72
CA ALA A 342 30.41 67.32 -13.89
C ALA A 342 29.04 66.70 -13.82
N PHE A 343 28.50 66.50 -12.62
CA PHE A 343 27.25 65.79 -12.47
C PHE A 343 26.07 66.63 -12.94
N VAL A 344 25.33 66.09 -13.90
CA VAL A 344 24.26 66.82 -14.53
C VAL A 344 22.98 66.56 -13.74
N GLY A 345 22.63 65.28 -13.62
CA GLY A 345 21.42 64.83 -12.93
C GLY A 345 21.29 63.32 -13.09
N GLN A 346 20.22 62.73 -12.56
CA GLN A 346 20.04 61.27 -12.54
C GLN A 346 18.63 60.87 -12.94
N VAL A 347 18.56 59.77 -13.67
CA VAL A 347 17.36 59.21 -14.19
C VAL A 347 17.20 57.83 -13.59
N ARG A 348 16.02 57.27 -13.78
CA ARG A 348 15.69 55.99 -13.23
C ARG A 348 14.53 55.39 -14.04
N ALA A 349 14.74 54.16 -14.52
CA ALA A 349 13.75 53.40 -15.27
C ALA A 349 13.64 51.99 -14.68
N THR A 350 12.48 51.36 -14.93
CA THR A 350 12.09 50.06 -14.36
C THR A 350 11.49 49.19 -15.47
N ASP A 351 11.52 47.87 -15.27
CA ASP A 351 11.00 46.92 -16.25
C ASP A 351 10.16 45.81 -15.57
N PRO A 352 8.85 45.78 -15.86
CA PRO A 352 7.91 44.82 -15.23
C PRO A 352 8.26 43.36 -15.47
N ASP A 353 8.95 43.10 -16.58
CA ASP A 353 9.44 41.76 -16.92
C ASP A 353 10.46 41.30 -15.90
N ALA A 354 10.98 40.09 -16.15
CA ALA A 354 11.95 39.42 -15.30
C ALA A 354 13.15 38.90 -16.07
N GLY A 355 14.27 38.76 -15.38
CA GLY A 355 15.50 38.20 -15.93
C GLY A 355 16.31 39.21 -16.71
N ILE A 356 16.93 38.75 -17.80
CA ILE A 356 17.47 39.69 -18.75
C ILE A 356 16.39 40.63 -19.22
N ASN A 357 15.14 40.18 -19.34
CA ASN A 357 14.06 41.06 -19.82
C ASN A 357 13.71 42.20 -18.85
N GLY A 358 14.09 42.05 -17.58
CA GLY A 358 13.95 43.12 -16.60
C GLY A 358 15.09 44.13 -16.54
N GLN A 359 16.34 43.71 -16.77
CA GLN A 359 17.54 44.58 -16.64
C GLN A 359 17.52 45.81 -17.54
N VAL A 360 17.67 47.01 -16.98
CA VAL A 360 17.76 48.23 -17.82
C VAL A 360 19.18 48.76 -17.94
N HIS A 361 19.52 49.22 -19.14
CA HIS A 361 20.85 49.75 -19.49
C HIS A 361 20.64 51.13 -20.13
N TYR A 362 21.36 52.13 -19.63
CA TYR A 362 21.12 53.52 -20.03
C TYR A 362 22.07 53.95 -21.15
N SER A 363 21.51 54.63 -22.14
CA SER A 363 22.24 55.10 -23.29
C SER A 363 21.82 56.54 -23.60
N LEU A 364 22.65 57.26 -24.35
CA LEU A 364 22.31 58.60 -24.81
C LEU A 364 22.02 58.60 -26.32
N GLY A 365 20.88 59.17 -26.73
CA GLY A 365 20.48 59.25 -28.14
C GLY A 365 20.95 60.46 -28.92
N ASN A 366 21.73 61.35 -28.28
CA ASN A 366 22.40 62.47 -28.95
C ASN A 366 23.52 63.04 -28.06
N PHE A 367 24.30 63.97 -28.59
CA PHE A 367 25.33 64.69 -27.81
C PHE A 367 26.28 63.74 -27.08
N ASN A 368 26.60 62.63 -27.73
CA ASN A 368 27.35 61.57 -27.07
C ASN A 368 28.84 61.87 -26.91
N ASN A 369 29.34 62.88 -27.62
CA ASN A 369 30.71 63.38 -27.42
C ASN A 369 30.78 64.51 -26.38
N LEU A 370 29.67 65.19 -26.13
CA LEU A 370 29.58 66.18 -25.05
C LEU A 370 29.33 65.53 -23.70
N PHE A 371 28.18 64.85 -23.58
CA PHE A 371 27.75 64.17 -22.37
C PHE A 371 27.95 62.67 -22.45
N ARG A 372 28.13 62.06 -21.27
CA ARG A 372 28.11 60.59 -21.09
C ARG A 372 27.08 60.16 -20.03
N ILE A 373 26.93 58.84 -19.86
CA ILE A 373 26.03 58.30 -18.83
C ILE A 373 26.56 56.96 -18.32
N THR A 374 26.35 56.70 -17.03
CA THR A 374 26.91 55.52 -16.35
C THR A 374 25.95 54.37 -16.53
N SER A 375 26.37 53.20 -16.04
CA SER A 375 25.52 52.00 -15.91
C SER A 375 24.17 52.25 -15.20
N ASN A 376 24.19 53.10 -14.18
CA ASN A 376 22.97 53.49 -13.47
C ASN A 376 22.55 54.81 -14.09
N GLY A 377 21.72 55.60 -13.42
CA GLY A 377 21.14 56.82 -14.04
C GLY A 377 22.04 58.04 -14.20
N SER A 378 23.26 58.00 -13.68
CA SER A 378 24.12 59.17 -13.52
C SER A 378 24.70 59.72 -14.85
N ILE A 379 24.14 60.83 -15.34
CA ILE A 379 24.62 61.56 -16.52
C ILE A 379 25.71 62.54 -16.13
N TYR A 380 26.81 62.53 -16.87
CA TYR A 380 27.91 63.47 -16.70
C TYR A 380 28.28 64.21 -18.02
N THR A 381 29.10 65.24 -17.88
CA THR A 381 29.81 65.83 -19.02
C THR A 381 31.10 65.04 -19.25
N ALA A 382 31.36 64.73 -20.51
CA ALA A 382 32.65 64.17 -20.90
C ALA A 382 33.71 65.27 -21.14
N VAL A 383 33.27 66.49 -21.42
CA VAL A 383 34.17 67.59 -21.83
C VAL A 383 33.76 68.91 -21.20
N LYS A 384 34.68 69.88 -21.20
CA LYS A 384 34.42 71.21 -20.69
C LYS A 384 33.37 71.84 -21.58
N LEU A 385 32.12 71.85 -21.13
CA LEU A 385 31.00 72.44 -21.88
C LEU A 385 31.19 73.96 -21.92
N ASN A 386 30.81 74.62 -23.00
CA ASN A 386 31.01 76.09 -23.14
C ASN A 386 29.71 76.89 -22.97
N ARG A 387 29.68 77.72 -21.93
CA ARG A 387 28.49 78.54 -21.54
C ARG A 387 27.92 79.44 -22.65
N GLU A 388 28.78 79.97 -23.51
CA GLU A 388 28.39 80.96 -24.54
C GLU A 388 28.09 80.34 -25.90
N ALA A 389 28.89 79.35 -26.30
CA ALA A 389 28.64 78.60 -27.54
C ALA A 389 27.28 77.91 -27.51
N ARG A 390 26.94 77.35 -26.35
CA ARG A 390 25.66 76.68 -26.13
C ARG A 390 25.12 76.98 -24.73
N ASP A 391 23.81 77.21 -24.64
CA ASP A 391 23.12 77.30 -23.34
C ASP A 391 22.03 76.24 -23.15
N HIS A 392 21.16 76.01 -24.15
CA HIS A 392 20.05 75.05 -24.06
C HIS A 392 20.40 73.76 -24.84
N TYR A 393 20.34 72.60 -24.16
CA TYR A 393 20.44 71.28 -24.79
C TYR A 393 19.19 70.49 -24.53
N GLU A 394 18.39 70.23 -25.55
CA GLU A 394 17.32 69.25 -25.42
C GLU A 394 17.96 67.90 -25.68
N LEU A 395 18.41 67.25 -24.61
CA LEU A 395 19.11 65.94 -24.68
C LEU A 395 18.16 64.81 -24.39
N VAL A 396 18.34 63.71 -25.12
CA VAL A 396 17.48 62.53 -25.08
C VAL A 396 18.23 61.30 -24.55
N VAL A 397 17.70 60.74 -23.48
CA VAL A 397 18.30 59.62 -22.74
C VAL A 397 17.37 58.43 -22.98
N VAL A 398 18.00 57.26 -23.16
CA VAL A 398 17.40 56.01 -23.67
C VAL A 398 17.61 54.88 -22.67
N ALA A 399 16.52 54.25 -22.24
CA ALA A 399 16.59 53.08 -21.36
C ALA A 399 16.36 51.84 -22.18
N THR A 400 17.28 50.88 -22.07
CA THR A 400 17.21 49.69 -22.88
C THR A 400 17.16 48.45 -22.01
N ASP A 401 16.10 47.66 -22.18
CA ASP A 401 16.02 46.40 -21.48
C ASP A 401 17.01 45.41 -22.10
N GLY A 402 17.28 44.32 -21.39
CA GLY A 402 18.47 43.50 -21.64
C GLY A 402 18.24 42.21 -22.39
N ALA A 403 17.13 42.14 -23.14
CA ALA A 403 16.76 40.94 -23.83
C ALA A 403 17.45 40.89 -25.18
N VAL A 404 17.44 39.71 -25.78
CA VAL A 404 17.64 39.60 -27.22
C VAL A 404 16.33 40.11 -27.82
N HIS A 405 16.43 40.92 -28.86
CA HIS A 405 15.31 41.75 -29.34
C HIS A 405 14.81 42.64 -28.20
N PRO A 406 15.65 43.61 -27.82
CA PRO A 406 15.33 44.48 -26.72
C PRO A 406 14.30 45.55 -27.09
N ARG A 407 13.72 46.16 -26.05
CA ARG A 407 12.81 47.29 -26.15
C ARG A 407 13.45 48.55 -25.56
N HIS A 408 13.06 49.72 -26.07
CA HIS A 408 13.57 51.02 -25.67
C HIS A 408 12.44 51.85 -25.06
N SER A 409 12.83 52.88 -24.31
CA SER A 409 12.01 54.07 -24.05
C SER A 409 12.97 55.24 -24.13
N THR A 410 12.49 56.41 -24.52
CA THR A 410 13.31 57.62 -24.45
C THR A 410 12.76 58.64 -23.47
N LEU A 411 13.62 59.57 -23.09
CA LEU A 411 13.20 60.67 -22.24
C LEU A 411 14.04 61.85 -22.61
N THR A 412 13.43 62.88 -23.19
CA THR A 412 14.14 64.14 -23.40
C THR A 412 14.26 64.92 -22.09
N LEU A 413 15.50 65.22 -21.71
CA LEU A 413 15.80 66.14 -20.62
C LEU A 413 16.12 67.52 -21.18
N TYR A 414 15.94 68.55 -20.34
CA TYR A 414 16.24 69.94 -20.69
C TYR A 414 17.35 70.48 -19.77
N ILE A 415 18.59 70.29 -20.22
CA ILE A 415 19.79 70.73 -19.52
C ILE A 415 19.99 72.18 -19.91
N LYS A 416 20.20 73.03 -18.91
CA LYS A 416 20.56 74.45 -19.07
C LYS A 416 21.90 74.65 -18.39
N VAL A 417 22.95 74.93 -19.16
CA VAL A 417 24.30 75.17 -18.62
C VAL A 417 24.43 76.61 -18.06
N LEU A 418 25.13 76.74 -16.93
CA LEU A 418 25.17 77.97 -16.10
C LEU A 418 26.47 78.80 -16.26
N ASP A 419 26.70 79.79 -15.36
CA ASP A 419 28.04 80.39 -15.11
C ASP A 419 28.16 81.16 -13.76
N ILE A 420 29.31 81.83 -13.53
CA ILE A 420 29.52 82.63 -12.29
C ILE A 420 30.55 83.76 -12.51
CA CA B . 11.39 44.41 -20.81
CA CA C . 6.92 39.79 -19.08
CA CA D . 2.52 40.17 -19.61
CA CA E . -12.93 1.79 -11.84
CA CA F . -12.51 -42.22 10.07
K K G . -17.98 -47.98 10.73
CA CA H . -15.45 -51.56 13.13
#